data_7DCI
#
_entry.id   7DCI
#
_cell.length_a   92.268
_cell.length_b   38.472
_cell.length_c   38.654
_cell.angle_alpha   90.000
_cell.angle_beta   100.740
_cell.angle_gamma   90.000
#
_symmetry.space_group_name_H-M   'C 1 2 1'
#
loop_
_entity.id
_entity.type
_entity.pdbx_description
1 polymer 'Heat shock factor protein 2'
2 polymer "DNA (5'-D(*GP*GP*GP*AP*AP*TP*AP*TP*TP*CP*CP*C)-3')"
3 non-polymer 'SODIUM ION'
4 water water
#
loop_
_entity_poly.entity_id
_entity_poly.type
_entity_poly.pdbx_seq_one_letter_code
_entity_poly.pdbx_strand_id
1 'polypeptide(L)'
;VPAFLSKLWTLVEETHTNEFITWSQNGQSFLVLDEQRFAKEILPKYFKHNNMASFVRQLNMYGFRKVVHIDSGIVKQERN
GPVEFQHPYFKQGQDDLLENIKRK
;
A
2 'polydeoxyribonucleotide' (DG)(DG)(DG)(DA)(DA)(DT)(DA)(DT)(DT)(DC)(DC)(DC) B
#
# COMPACT_ATOMS: atom_id res chain seq x y z
N VAL A 1 6.72 14.42 -2.49
CA VAL A 1 6.20 13.08 -2.37
C VAL A 1 6.22 12.38 -3.73
N PRO A 2 7.02 11.32 -3.85
CA PRO A 2 7.08 10.59 -5.13
C PRO A 2 5.74 9.95 -5.46
N ALA A 3 5.60 9.59 -6.74
CA ALA A 3 4.32 9.08 -7.24
C ALA A 3 3.89 7.83 -6.50
N PHE A 4 4.85 6.96 -6.13
CA PHE A 4 4.47 5.72 -5.46
C PHE A 4 3.70 5.99 -4.17
N LEU A 5 4.13 6.98 -3.40
CA LEU A 5 3.48 7.22 -2.11
C LEU A 5 2.11 7.84 -2.29
N SER A 6 1.98 8.79 -3.21
CA SER A 6 0.68 9.39 -3.44
C SER A 6 -0.30 8.37 -4.02
N LYS A 7 0.17 7.50 -4.92
CA LYS A 7 -0.70 6.46 -5.44
C LYS A 7 -1.05 5.44 -4.37
N LEU A 8 -0.07 5.04 -3.57
CA LEU A 8 -0.34 4.09 -2.50
C LEU A 8 -1.38 4.62 -1.52
N TRP A 9 -1.27 5.89 -1.14
CA TRP A 9 -2.28 6.50 -0.27
C TRP A 9 -3.66 6.47 -0.93
N THR A 10 -3.74 6.90 -2.19
CA THR A 10 -5.00 6.83 -2.91
C THR A 10 -5.53 5.40 -2.96
N LEU A 11 -4.64 4.45 -3.24
CA LEU A 11 -5.03 3.05 -3.36
C LEU A 11 -5.65 2.53 -2.06
N VAL A 12 -5.00 2.80 -0.93
CA VAL A 12 -5.51 2.32 0.35
C VAL A 12 -6.79 3.06 0.70
N GLU A 13 -6.81 4.38 0.52
CA GLU A 13 -7.93 5.20 0.96
C GLU A 13 -9.19 4.96 0.13
N GLU A 14 -9.03 4.71 -1.18
CA GLU A 14 -10.15 4.62 -2.09
C GLU A 14 -11.09 3.47 -1.70
N THR A 15 -12.39 3.77 -1.63
CA THR A 15 -13.34 2.72 -1.23
C THR A 15 -13.50 1.64 -2.29
N HIS A 16 -13.40 1.98 -3.58
CA HIS A 16 -13.68 0.97 -4.60
C HIS A 16 -12.61 -0.10 -4.68
N THR A 17 -11.47 0.07 -4.00
CA THR A 17 -10.42 -0.94 -3.96
C THR A 17 -10.40 -1.72 -2.66
N ASN A 18 -11.30 -1.43 -1.71
CA ASN A 18 -11.18 -2.00 -0.37
C ASN A 18 -11.40 -3.50 -0.34
N GLU A 19 -11.94 -4.10 -1.41
CA GLU A 19 -11.95 -5.56 -1.48
C GLU A 19 -10.55 -6.12 -1.42
N PHE A 20 -9.56 -5.38 -1.92
CA PHE A 20 -8.20 -5.88 -2.07
C PHE A 20 -7.14 -5.13 -1.27
N ILE A 21 -7.34 -3.83 -0.99
CA ILE A 21 -6.33 -3.05 -0.29
C ILE A 21 -7.03 -1.95 0.48
N THR A 22 -6.78 -1.90 1.79
CA THR A 22 -7.58 -1.09 2.70
C THR A 22 -6.82 -0.91 4.00
N TRP A 23 -7.18 0.14 4.74
CA TRP A 23 -6.58 0.38 6.05
C TRP A 23 -6.92 -0.77 7.00
N SER A 24 -5.98 -1.09 7.89
CA SER A 24 -6.31 -1.94 9.01
C SER A 24 -7.28 -1.23 9.96
N GLN A 25 -7.82 -1.99 10.91
CA GLN A 25 -8.78 -1.42 11.86
C GLN A 25 -8.21 -0.20 12.58
N ASN A 26 -6.98 -0.28 13.07
CA ASN A 26 -6.46 0.84 13.85
C ASN A 26 -5.88 1.95 12.99
N GLY A 27 -5.87 1.79 11.66
CA GLY A 27 -5.43 2.84 10.77
C GLY A 27 -3.93 3.04 10.71
N GLN A 28 -3.16 2.17 11.35
CA GLN A 28 -1.72 2.32 11.46
C GLN A 28 -0.98 1.41 10.50
N SER A 29 -1.71 0.70 9.65
CA SER A 29 -1.16 -0.22 8.65
C SER A 29 -2.20 -0.38 7.56
N PHE A 30 -1.81 -1.02 6.47
CA PHE A 30 -2.80 -1.38 5.46
C PHE A 30 -2.70 -2.87 5.15
N LEU A 31 -3.80 -3.40 4.63
CA LEU A 31 -3.96 -4.82 4.34
C LEU A 31 -4.09 -5.01 2.83
N VAL A 32 -3.53 -6.10 2.34
CA VAL A 32 -3.77 -6.57 0.98
C VAL A 32 -4.45 -7.93 1.09
N LEU A 33 -5.68 -8.01 0.62
CA LEU A 33 -6.46 -9.24 0.61
C LEU A 33 -6.57 -9.73 -0.83
N ASP A 34 -6.55 -11.05 -1.01
CA ASP A 34 -6.70 -11.66 -2.33
C ASP A 34 -5.57 -11.18 -3.24
N GLU A 35 -4.33 -11.47 -2.81
CA GLU A 35 -3.15 -10.90 -3.46
C GLU A 35 -3.09 -11.25 -4.95
N GLN A 36 -3.48 -12.47 -5.30
CA GLN A 36 -3.47 -12.85 -6.71
C GLN A 36 -4.42 -11.96 -7.51
N ARG A 37 -5.62 -11.72 -7.01
CA ARG A 37 -6.54 -10.85 -7.73
C ARG A 37 -6.11 -9.40 -7.65
N PHE A 38 -5.53 -9.00 -6.51
CA PHE A 38 -5.01 -7.65 -6.36
C PHE A 38 -3.99 -7.32 -7.44
N ALA A 39 -3.06 -8.24 -7.70
CA ALA A 39 -1.99 -7.88 -8.62
C ALA A 39 -2.44 -7.96 -10.07
N LYS A 40 -3.34 -8.89 -10.41
CA LYS A 40 -3.81 -8.95 -11.79
C LYS A 40 -4.80 -7.84 -12.13
N GLU A 41 -5.65 -7.45 -11.17
CA GLU A 41 -6.78 -6.58 -11.47
C GLU A 41 -6.59 -5.12 -11.01
N ILE A 42 -5.86 -4.88 -9.92
CA ILE A 42 -5.77 -3.56 -9.30
C ILE A 42 -4.45 -2.88 -9.63
N LEU A 43 -3.33 -3.58 -9.44
CA LEU A 43 -2.02 -2.96 -9.66
C LEU A 43 -1.88 -2.28 -11.02
N PRO A 44 -2.27 -2.90 -12.14
CA PRO A 44 -2.08 -2.22 -13.43
C PRO A 44 -2.99 -1.02 -13.65
N LYS A 45 -3.94 -0.76 -12.76
CA LYS A 45 -4.73 0.46 -12.88
C LYS A 45 -4.00 1.67 -12.30
N TYR A 46 -3.00 1.44 -11.45
CA TYR A 46 -2.26 2.52 -10.80
C TYR A 46 -0.79 2.54 -11.15
N PHE A 47 -0.20 1.41 -11.48
CA PHE A 47 1.22 1.29 -11.79
C PHE A 47 1.40 0.68 -13.17
N LYS A 48 2.65 0.58 -13.61
CA LYS A 48 2.99 0.05 -14.92
C LYS A 48 3.40 -1.41 -14.84
N HIS A 49 2.72 -2.22 -14.02
CA HIS A 49 3.00 -3.63 -13.88
C HIS A 49 1.82 -4.30 -13.20
N ASN A 50 1.86 -5.63 -13.16
CA ASN A 50 0.86 -6.44 -12.49
C ASN A 50 1.52 -7.49 -11.60
N ASN A 51 2.65 -7.13 -10.98
CA ASN A 51 3.47 -8.06 -10.22
C ASN A 51 3.46 -7.64 -8.75
N MET A 52 2.95 -8.53 -7.88
CA MET A 52 3.02 -8.25 -6.45
C MET A 52 4.44 -7.98 -5.99
N ALA A 53 5.42 -8.70 -6.54
CA ALA A 53 6.79 -8.54 -6.09
C ALA A 53 7.32 -7.15 -6.40
N SER A 54 6.86 -6.53 -7.48
CA SER A 54 7.32 -5.18 -7.82
C SER A 54 6.67 -4.12 -6.94
N PHE A 55 5.40 -4.35 -6.57
CA PHE A 55 4.74 -3.52 -5.56
C PHE A 55 5.47 -3.61 -4.23
N VAL A 56 5.80 -4.83 -3.79
CA VAL A 56 6.51 -5.02 -2.54
C VAL A 56 7.94 -4.51 -2.62
N ARG A 57 8.58 -4.59 -3.80
CA ARG A 57 9.88 -3.95 -3.93
C ARG A 57 9.81 -2.47 -3.63
N GLN A 58 8.72 -1.81 -4.07
CA GLN A 58 8.57 -0.38 -3.80
C GLN A 58 8.29 -0.12 -2.33
N LEU A 59 7.43 -0.93 -1.72
CA LEU A 59 7.20 -0.80 -0.27
C LEU A 59 8.52 -0.87 0.48
N ASN A 60 9.37 -1.84 0.13
CA ASN A 60 10.64 -1.98 0.83
C ASN A 60 11.56 -0.80 0.53
N MET A 61 11.55 -0.31 -0.72
CA MET A 61 12.33 0.86 -1.08
C MET A 61 11.96 2.08 -0.26
N TYR A 62 10.74 2.16 0.26
CA TYR A 62 10.33 3.29 1.08
C TYR A 62 10.27 2.95 2.56
N GLY A 63 10.80 1.81 2.98
CA GLY A 63 10.92 1.52 4.40
C GLY A 63 9.70 0.91 5.03
N PHE A 64 8.68 0.54 4.26
CA PHE A 64 7.57 -0.21 4.81
C PHE A 64 8.03 -1.58 5.27
N ARG A 65 7.42 -2.08 6.33
CA ARG A 65 7.73 -3.40 6.84
C ARG A 65 6.47 -4.24 6.91
N LYS A 66 6.64 -5.55 6.73
CA LYS A 66 5.53 -6.47 6.86
C LYS A 66 5.16 -6.67 8.32
N VAL A 67 3.87 -6.82 8.58
CA VAL A 67 3.35 -7.09 9.90
C VAL A 67 3.06 -8.59 9.99
N VAL A 68 3.83 -9.30 10.82
CA VAL A 68 3.62 -10.73 11.02
C VAL A 68 2.32 -10.99 11.77
N ASN A 80 -6.47 -15.63 -0.81
CA ASN A 80 -5.97 -16.69 0.06
C ASN A 80 -5.91 -16.22 1.51
N GLY A 81 -4.93 -15.37 1.82
CA GLY A 81 -4.77 -14.85 3.15
C GLY A 81 -4.27 -13.41 3.14
N PRO A 82 -4.74 -12.61 4.09
CA PRO A 82 -4.35 -11.18 4.09
C PRO A 82 -2.90 -11.00 4.51
N VAL A 83 -2.25 -10.03 3.88
CA VAL A 83 -0.91 -9.60 4.24
C VAL A 83 -0.99 -8.14 4.67
N GLU A 84 -0.11 -7.74 5.58
CA GLU A 84 -0.20 -6.43 6.22
C GLU A 84 1.16 -5.75 6.20
N PHE A 85 1.15 -4.44 5.92
CA PHE A 85 2.37 -3.63 5.85
C PHE A 85 2.17 -2.35 6.65
N GLN A 86 3.26 -1.81 7.19
CA GLN A 86 3.20 -0.58 7.97
C GLN A 86 4.45 0.26 7.74
N HIS A 87 4.26 1.57 7.87
CA HIS A 87 5.33 2.55 7.92
C HIS A 87 4.94 3.53 9.02
N PRO A 88 5.89 3.98 9.84
CA PRO A 88 5.53 4.89 10.93
C PRO A 88 4.83 6.16 10.46
N TYR A 89 5.08 6.59 9.22
CA TYR A 89 4.52 7.84 8.70
C TYR A 89 3.45 7.60 7.65
N PHE A 90 2.92 6.38 7.58
CA PHE A 90 1.80 6.03 6.71
C PHE A 90 0.65 5.71 7.65
N LYS A 91 -0.14 6.72 7.99
CA LYS A 91 -1.16 6.61 9.01
C LYS A 91 -2.48 7.18 8.52
N GLN A 92 -3.55 6.44 8.76
CA GLN A 92 -4.88 6.87 8.32
C GLN A 92 -5.22 8.24 8.88
N GLY A 93 -5.76 9.10 8.02
CA GLY A 93 -6.13 10.45 8.41
C GLY A 93 -4.98 11.40 8.64
N GLN A 94 -3.75 10.97 8.42
CA GLN A 94 -2.55 11.78 8.66
C GLN A 94 -1.67 11.80 7.42
N ASP A 95 -2.25 12.14 6.26
CA ASP A 95 -1.45 12.19 5.04
C ASP A 95 -0.37 13.27 5.09
N ASP A 96 -0.45 14.20 6.04
CA ASP A 96 0.60 15.19 6.21
C ASP A 96 1.94 14.55 6.55
N LEU A 97 1.94 13.32 7.07
CA LEU A 97 3.17 12.64 7.42
C LEU A 97 3.86 11.99 6.22
N LEU A 98 3.21 11.99 5.04
CA LEU A 98 3.78 11.29 3.89
C LEU A 98 5.12 11.89 3.46
N GLU A 99 5.31 13.18 3.65
CA GLU A 99 6.58 13.81 3.27
C GLU A 99 7.74 13.33 4.13
N ASN A 100 7.47 12.68 5.27
CA ASN A 100 8.53 12.15 6.13
C ASN A 100 9.05 10.80 5.66
N ILE A 101 8.36 10.13 4.76
CA ILE A 101 8.80 8.85 4.22
C ILE A 101 9.93 9.11 3.22
N LYS A 102 11.02 8.38 3.36
CA LYS A 102 12.19 8.59 2.51
C LYS A 102 12.49 7.36 1.66
N ARG A 103 12.82 7.60 0.40
CA ARG A 103 13.26 6.52 -0.47
C ARG A 103 14.68 6.12 -0.09
N LYS A 104 14.90 4.82 0.08
CA LYS A 104 16.23 4.33 0.46
C LYS A 104 17.25 4.51 -0.66
#